data_7N6K
#
_entry.id   7N6K
#
_cell.length_a   37.763
_cell.length_b   94.773
_cell.length_c   117.109
_cell.angle_alpha   90.000
_cell.angle_beta   90.000
_cell.angle_gamma   90.000
#
_symmetry.space_group_name_H-M   'I 2 2 2'
#
loop_
_entity.id
_entity.type
_entity.pdbx_description
1 polymer 'Chaperone protein DnaK'
2 polymer 'Alkaline phosphatase peptide'
3 non-polymer 'SULFATE ION'
4 water water
#
loop_
_entity_poly.entity_id
_entity_poly.type
_entity_poly.pdbx_seq_one_letter_code
_entity_poly.pdbx_strand_id
1 'polypeptide(L)'
;VLLLDVTPLSLGIETMGGVMTTLIAKNTTIPTKHSQVFSTAEDNQSAVTIHVLQGERKRAADNKSLGQFNLDGINPAPRG
MPQIEVTFDIDADGILHVSAKDKNSGKEQKITIKASSGLNEDEIQKMVRDAEANAEADRKFEELVQTRNQGDHLLHSTRK
QVEEAGDKLPADDKTAIESALTALETALKGEDKAAIEAKMQELAQVSQKLMEIAQQQHA
;
A
2 'polypeptide(L)' RALALLPLSR B
#
# COMPACT_ATOMS: atom_id res chain seq x y z
N VAL A 1 12.73 -34.05 -4.35
CA VAL A 1 11.89 -35.20 -3.94
C VAL A 1 12.39 -35.75 -2.58
N LEU A 2 13.69 -35.80 -2.34
CA LEU A 2 14.27 -35.97 -0.96
C LEU A 2 14.41 -34.60 -0.31
N LEU A 3 14.58 -33.55 -1.12
CA LEU A 3 14.66 -32.14 -0.69
C LEU A 3 13.67 -31.29 -1.48
N LEU A 4 13.51 -30.04 -1.05
CA LEU A 4 12.90 -28.92 -1.82
C LEU A 4 13.78 -27.68 -1.63
N ASP A 5 13.66 -26.73 -2.55
CA ASP A 5 14.08 -25.33 -2.31
C ASP A 5 12.82 -24.54 -1.97
N VAL A 6 12.81 -23.87 -0.85
CA VAL A 6 11.63 -23.08 -0.41
C VAL A 6 12.12 -21.73 0.12
N THR A 7 11.44 -20.67 -0.27
CA THR A 7 11.59 -19.34 0.34
C THR A 7 11.24 -19.53 1.80
N PRO A 8 12.19 -19.33 2.73
CA PRO A 8 11.91 -19.48 4.16
C PRO A 8 11.07 -18.34 4.75
N LEU A 9 11.06 -17.18 4.10
CA LEU A 9 10.29 -15.98 4.51
C LEU A 9 9.55 -15.43 3.30
N SER A 10 8.48 -14.69 3.54
CA SER A 10 7.67 -14.02 2.49
C SER A 10 8.51 -12.91 1.88
N LEU A 11 8.35 -12.68 0.58
CA LEU A 11 8.96 -11.57 -0.19
C LEU A 11 7.86 -10.63 -0.69
N GLY A 12 8.11 -9.33 -0.64
CA GLY A 12 7.09 -8.36 -1.10
C GLY A 12 7.61 -6.94 -1.14
N ILE A 13 6.68 -6.01 -1.11
CA ILE A 13 6.98 -4.58 -1.35
C ILE A 13 6.27 -3.74 -0.29
N GLU A 14 6.83 -2.58 0.04
CA GLU A 14 6.16 -1.58 0.90
C GLU A 14 4.99 -1.04 0.08
N THR A 15 3.84 -0.88 0.72
CA THR A 15 2.64 -0.22 0.15
C THR A 15 2.23 0.90 1.12
N MET A 16 1.50 1.89 0.65
CA MET A 16 1.14 3.09 1.45
C MET A 16 0.68 2.65 2.84
N GLY A 17 1.07 3.41 3.87
CA GLY A 17 0.91 3.05 5.29
C GLY A 17 2.20 2.47 5.88
N GLY A 18 3.16 2.09 5.05
CA GLY A 18 4.38 1.39 5.51
C GLY A 18 4.07 -0.02 5.96
N VAL A 19 3.16 -0.68 5.26
CA VAL A 19 2.78 -2.11 5.45
C VAL A 19 3.51 -2.91 4.39
N MET A 20 4.05 -4.07 4.74
CA MET A 20 4.60 -5.06 3.77
C MET A 20 3.40 -5.71 3.10
N THR A 21 3.42 -5.86 1.77
CA THR A 21 2.44 -6.63 0.97
C THR A 21 3.14 -7.81 0.29
N THR A 22 2.73 -9.04 0.58
CA THR A 22 3.45 -10.26 0.15
C THR A 22 3.15 -10.55 -1.33
N LEU A 23 4.16 -10.99 -2.08
CA LEU A 23 4.02 -11.42 -3.49
C LEU A 23 4.28 -12.93 -3.58
N ILE A 24 5.39 -13.39 -3.00
CA ILE A 24 5.76 -14.83 -2.81
C ILE A 24 5.60 -15.18 -1.33
N ALA A 25 4.68 -16.10 -1.02
CA ALA A 25 4.37 -16.56 0.36
C ALA A 25 5.47 -17.49 0.84
N LYS A 26 5.69 -17.48 2.15
CA LYS A 26 6.73 -18.27 2.87
C LYS A 26 6.53 -19.76 2.56
N ASN A 27 7.63 -20.49 2.45
CA ASN A 27 7.69 -21.94 2.12
C ASN A 27 7.07 -22.12 0.73
N THR A 28 7.47 -21.28 -0.24
CA THR A 28 7.12 -21.49 -1.67
C THR A 28 8.31 -22.15 -2.36
N THR A 29 8.05 -23.17 -3.19
CA THR A 29 9.05 -23.92 -3.97
C THR A 29 9.43 -23.05 -5.16
N ILE A 30 10.73 -22.75 -5.32
CA ILE A 30 11.31 -22.05 -6.52
C ILE A 30 11.69 -23.13 -7.54
N PRO A 31 11.72 -22.85 -8.88
CA PRO A 31 11.27 -21.59 -9.48
C PRO A 31 9.81 -21.19 -9.20
N THR A 32 9.54 -19.89 -9.29
CA THR A 32 8.22 -19.27 -8.99
C THR A 32 8.20 -17.86 -9.59
N LYS A 33 7.00 -17.34 -9.83
CA LYS A 33 6.73 -16.04 -10.50
C LYS A 33 5.32 -15.59 -10.09
N HIS A 34 5.20 -14.55 -9.26
CA HIS A 34 3.90 -13.92 -8.92
C HIS A 34 3.95 -12.47 -9.38
N SER A 35 2.80 -11.96 -9.79
CA SER A 35 2.62 -10.57 -10.26
C SER A 35 1.44 -9.97 -9.52
N GLN A 36 1.35 -8.66 -9.49
CA GLN A 36 0.26 -7.95 -8.80
C GLN A 36 0.31 -6.52 -9.30
N VAL A 37 -0.84 -5.94 -9.52
CA VAL A 37 -0.93 -4.56 -10.06
C VAL A 37 -1.23 -3.62 -8.89
N PHE A 38 -0.40 -2.59 -8.73
CA PHE A 38 -0.63 -1.47 -7.78
C PHE A 38 -0.83 -0.21 -8.62
N SER A 39 -1.05 0.91 -7.95
CA SER A 39 -1.34 2.24 -8.54
C SER A 39 -0.66 3.34 -7.72
N THR A 40 -1.00 4.60 -7.97
CA THR A 40 -0.39 5.78 -7.32
C THR A 40 -1.18 6.15 -6.07
N ALA A 41 -0.50 6.74 -5.09
CA ALA A 41 -1.05 7.19 -3.79
C ALA A 41 -1.64 8.60 -3.92
N GLU A 42 -1.22 9.38 -4.91
CA GLU A 42 -1.51 10.83 -5.02
C GLU A 42 -1.66 11.22 -6.49
N ASP A 43 -2.53 12.19 -6.78
CA ASP A 43 -2.80 12.72 -8.15
C ASP A 43 -1.48 13.20 -8.78
N ASN A 44 -1.32 13.03 -10.09
CA ASN A 44 -0.15 13.55 -10.85
C ASN A 44 1.17 12.94 -10.33
N GLN A 45 1.12 11.75 -9.73
CA GLN A 45 2.34 11.01 -9.25
C GLN A 45 3.10 10.61 -10.52
N SER A 46 4.37 11.04 -10.63
CA SER A 46 5.21 10.84 -11.83
C SER A 46 5.96 9.51 -11.70
N ALA A 47 6.06 9.02 -10.47
CA ALA A 47 6.87 7.83 -10.12
C ALA A 47 6.30 7.11 -8.88
N VAL A 48 6.67 5.84 -8.77
CA VAL A 48 6.43 4.95 -7.61
C VAL A 48 7.79 4.46 -7.15
N THR A 49 7.99 4.35 -5.83
CA THR A 49 9.14 3.65 -5.20
C THR A 49 8.75 2.19 -4.99
N ILE A 50 9.68 1.28 -5.28
CA ILE A 50 9.51 -0.19 -5.07
C ILE A 50 10.55 -0.61 -4.03
N HIS A 51 10.15 -0.68 -2.76
CA HIS A 51 10.99 -1.13 -1.62
C HIS A 51 10.68 -2.62 -1.36
N VAL A 52 11.69 -3.47 -1.57
CA VAL A 52 11.58 -4.96 -1.54
C VAL A 52 11.93 -5.51 -0.15
N LEU A 53 11.13 -6.47 0.30
CA LEU A 53 11.03 -6.86 1.72
C LEU A 53 11.07 -8.38 1.86
N GLN A 54 11.87 -8.83 2.84
CA GLN A 54 11.89 -10.21 3.36
C GLN A 54 11.39 -10.20 4.79
N GLY A 55 10.45 -11.09 5.11
CA GLY A 55 9.99 -11.31 6.50
C GLY A 55 8.51 -11.56 6.55
N GLU A 56 7.97 -11.69 7.77
CA GLU A 56 6.56 -12.07 8.08
C GLU A 56 5.86 -10.99 8.92
N ARG A 57 6.54 -9.85 9.18
CA ARG A 57 6.02 -8.71 9.98
C ARG A 57 5.15 -7.84 9.06
N LYS A 58 4.05 -7.28 9.60
CA LYS A 58 3.10 -6.45 8.81
C LYS A 58 3.69 -5.04 8.62
N ARG A 59 4.43 -4.51 9.60
CA ARG A 59 5.19 -3.26 9.43
C ARG A 59 6.36 -3.54 8.47
N ALA A 60 6.51 -2.75 7.41
CA ALA A 60 7.62 -2.88 6.44
C ALA A 60 8.95 -2.76 7.19
N ALA A 61 8.95 -1.93 8.24
CA ALA A 61 10.17 -1.46 8.94
C ALA A 61 10.72 -2.55 9.85
N ASP A 62 9.91 -3.58 10.15
CA ASP A 62 10.31 -4.75 10.98
C ASP A 62 10.85 -5.88 10.10
N ASN A 63 10.71 -5.75 8.78
CA ASN A 63 11.14 -6.78 7.79
C ASN A 63 12.55 -6.40 7.33
N LYS A 64 13.26 -7.33 6.69
CA LYS A 64 14.62 -7.09 6.12
C LYS A 64 14.47 -6.43 4.76
N SER A 65 15.22 -5.36 4.51
CA SER A 65 15.17 -4.64 3.22
C SER A 65 16.15 -5.32 2.27
N LEU A 66 15.74 -5.58 1.02
CA LEU A 66 16.60 -6.28 0.03
C LEU A 66 17.10 -5.32 -1.06
N GLY A 67 16.53 -4.11 -1.13
CA GLY A 67 16.67 -3.18 -2.26
C GLY A 67 15.46 -2.26 -2.39
N GLN A 68 15.63 -1.13 -3.09
CA GLN A 68 14.51 -0.27 -3.54
C GLN A 68 14.96 0.44 -4.80
N PHE A 69 14.01 0.78 -5.68
CA PHE A 69 14.21 1.34 -7.04
C PHE A 69 12.94 2.09 -7.46
N ASN A 70 13.10 3.13 -8.27
CA ASN A 70 11.98 3.99 -8.75
C ASN A 70 11.49 3.47 -10.11
N LEU A 71 10.22 3.77 -10.44
CA LEU A 71 9.69 3.75 -11.82
C LEU A 71 9.10 5.14 -12.10
N ASP A 72 9.84 5.98 -12.81
CA ASP A 72 9.42 7.36 -13.17
C ASP A 72 8.67 7.32 -14.50
N GLY A 73 8.29 8.48 -15.00
CA GLY A 73 7.63 8.62 -16.32
C GLY A 73 6.20 8.14 -16.27
N ILE A 74 5.57 8.19 -15.10
CA ILE A 74 4.11 7.93 -14.96
C ILE A 74 3.39 9.17 -15.46
N ASN A 75 2.72 9.05 -16.59
CA ASN A 75 1.94 10.16 -17.20
C ASN A 75 0.83 10.53 -16.25
N PRO A 76 0.62 11.84 -16.03
CA PRO A 76 -0.31 12.33 -15.01
C PRO A 76 -1.74 11.78 -15.15
N ALA A 77 -2.29 11.34 -14.03
CA ALA A 77 -3.65 10.81 -13.91
C ALA A 77 -4.11 11.02 -12.48
N PRO A 78 -5.40 10.76 -12.16
CA PRO A 78 -5.85 10.65 -10.77
C PRO A 78 -5.10 9.55 -10.01
N ARG A 79 -5.06 9.65 -8.68
CA ARG A 79 -4.79 8.50 -7.77
C ARG A 79 -5.47 7.23 -8.29
N GLY A 80 -4.74 6.12 -8.29
CA GLY A 80 -5.38 4.80 -8.22
C GLY A 80 -5.96 4.42 -9.56
N MET A 81 -5.52 5.14 -10.59
CA MET A 81 -5.89 4.92 -12.01
C MET A 81 -4.74 4.25 -12.76
N PRO A 82 -3.47 4.68 -12.61
CA PRO A 82 -2.37 3.95 -13.25
C PRO A 82 -2.28 2.47 -12.84
N GLN A 83 -1.84 1.61 -13.75
CA GLN A 83 -1.64 0.15 -13.52
C GLN A 83 -0.14 -0.15 -13.54
N ILE A 84 0.42 -0.43 -12.35
CA ILE A 84 1.87 -0.67 -12.14
C ILE A 84 2.01 -2.16 -11.78
N GLU A 85 2.33 -3.00 -12.76
CA GLU A 85 2.34 -4.47 -12.59
C GLU A 85 3.71 -4.85 -12.05
N VAL A 86 3.74 -5.30 -10.80
CA VAL A 86 5.00 -5.65 -10.09
C VAL A 86 5.11 -7.16 -10.13
N THR A 87 6.27 -7.69 -10.49
CA THR A 87 6.50 -9.15 -10.65
C THR A 87 7.69 -9.60 -9.82
N PHE A 88 7.49 -10.64 -9.02
CA PHE A 88 8.55 -11.38 -8.30
C PHE A 88 8.75 -12.69 -9.05
N ASP A 89 9.96 -12.86 -9.58
CA ASP A 89 10.42 -14.02 -10.37
C ASP A 89 11.68 -14.51 -9.67
N ILE A 90 11.57 -15.64 -8.96
CA ILE A 90 12.75 -16.43 -8.48
C ILE A 90 12.93 -17.61 -9.44
N ASP A 91 14.11 -17.68 -10.09
CA ASP A 91 14.46 -18.73 -11.08
C ASP A 91 15.08 -19.90 -10.31
N ALA A 92 15.49 -20.95 -11.03
CA ALA A 92 16.02 -22.21 -10.46
C ALA A 92 17.39 -21.99 -9.78
N ASP A 93 18.04 -20.84 -9.93
CA ASP A 93 19.36 -20.55 -9.30
C ASP A 93 19.19 -19.84 -7.94
N GLY A 94 17.95 -19.66 -7.45
CA GLY A 94 17.64 -18.91 -6.22
C GLY A 94 17.73 -17.40 -6.41
N ILE A 95 17.72 -16.91 -7.66
CA ILE A 95 17.83 -15.45 -7.94
C ILE A 95 16.41 -14.91 -8.07
N LEU A 96 16.16 -13.77 -7.43
CA LEU A 96 14.90 -12.99 -7.51
C LEU A 96 15.12 -11.82 -8.45
N HIS A 97 14.26 -11.67 -9.45
CA HIS A 97 14.15 -10.44 -10.28
C HIS A 97 12.82 -9.83 -9.89
N VAL A 98 12.85 -8.58 -9.46
CA VAL A 98 11.63 -7.77 -9.21
C VAL A 98 11.52 -6.79 -10.38
N SER A 99 10.40 -6.77 -11.07
CA SER A 99 10.12 -5.76 -12.13
C SER A 99 8.87 -4.95 -11.77
N ALA A 100 8.86 -3.69 -12.19
CA ALA A 100 7.69 -2.78 -12.14
C ALA A 100 7.45 -2.22 -13.55
N LYS A 101 6.23 -2.39 -14.05
CA LYS A 101 5.83 -2.00 -15.43
C LYS A 101 4.62 -1.06 -15.35
N ASP A 102 4.77 0.18 -15.85
CA ASP A 102 3.67 1.10 -16.26
C ASP A 102 3.02 0.53 -17.52
N LYS A 103 1.80 0.00 -17.36
CA LYS A 103 1.04 -0.77 -18.38
C LYS A 103 0.56 0.16 -19.49
N ASN A 104 0.44 1.47 -19.21
CA ASN A 104 0.16 2.52 -20.23
C ASN A 104 1.51 2.93 -20.83
N SER A 105 2.38 3.56 -20.05
CA SER A 105 3.61 4.23 -20.53
C SER A 105 4.60 3.23 -21.14
N GLY A 106 4.45 1.93 -20.88
CA GLY A 106 5.34 0.87 -21.44
C GLY A 106 6.68 0.74 -20.69
N LYS A 107 7.01 1.71 -19.81
CA LYS A 107 8.29 1.82 -19.05
C LYS A 107 8.45 0.64 -18.06
N GLU A 108 9.69 0.30 -17.70
CA GLU A 108 10.00 -0.88 -16.86
C GLU A 108 11.34 -0.70 -16.13
N GLN A 109 11.35 -1.01 -14.84
CA GLN A 109 12.54 -0.97 -13.98
C GLN A 109 12.62 -2.30 -13.20
N LYS A 110 13.76 -2.96 -13.31
CA LYS A 110 14.07 -4.24 -12.62
C LYS A 110 15.15 -4.00 -11.58
N ILE A 111 15.23 -4.92 -10.63
CA ILE A 111 16.39 -5.13 -9.73
C ILE A 111 16.59 -6.64 -9.63
N THR A 112 17.84 -7.09 -9.64
CA THR A 112 18.17 -8.53 -9.43
C THR A 112 18.78 -8.63 -8.05
N ILE A 113 18.42 -9.70 -7.34
CA ILE A 113 18.81 -9.89 -5.92
C ILE A 113 19.40 -11.28 -5.76
N LYS A 114 20.68 -11.34 -5.42
CA LYS A 114 21.45 -12.60 -5.23
C LYS A 114 20.70 -13.54 -4.28
N ALA A 115 20.71 -14.83 -4.62
CA ALA A 115 20.24 -15.96 -3.80
C ALA A 115 20.75 -15.81 -2.36
N SER A 116 21.96 -15.28 -2.18
CA SER A 116 22.66 -15.15 -0.89
C SER A 116 22.13 -13.96 -0.10
N SER A 117 21.37 -13.06 -0.73
CA SER A 117 20.86 -11.79 -0.10
C SER A 117 19.85 -12.08 1.03
N GLY A 118 19.75 -11.15 1.99
CA GLY A 118 18.74 -11.18 3.06
C GLY A 118 19.24 -11.79 4.35
N LEU A 119 18.41 -12.57 5.03
CA LEU A 119 18.64 -13.01 6.43
C LEU A 119 19.08 -14.47 6.39
N ASN A 120 20.11 -14.83 7.18
CA ASN A 120 20.73 -16.18 7.15
C ASN A 120 19.93 -17.12 8.06
N GLU A 121 20.29 -18.40 8.08
CA GLU A 121 19.50 -19.46 8.76
C GLU A 121 19.05 -18.93 10.13
N ASP A 122 19.94 -18.29 10.91
CA ASP A 122 19.66 -17.92 12.32
C ASP A 122 18.60 -16.80 12.36
N GLU A 123 18.89 -15.65 11.75
CA GLU A 123 18.02 -14.44 11.69
C GLU A 123 16.61 -14.81 11.20
N ILE A 124 16.50 -15.79 10.31
CA ILE A 124 15.19 -16.29 9.79
C ILE A 124 14.34 -16.72 10.98
N GLN A 125 14.73 -17.78 11.71
CA GLN A 125 13.99 -18.33 12.87
C GLN A 125 13.64 -17.19 13.85
N LYS A 126 14.58 -16.28 14.13
CA LYS A 126 14.34 -15.11 15.03
C LYS A 126 13.16 -14.26 14.53
N MET A 127 13.11 -14.04 13.20
CA MET A 127 12.03 -13.30 12.48
C MET A 127 10.72 -14.07 12.60
N VAL A 128 10.74 -15.41 12.48
CA VAL A 128 9.50 -16.25 12.41
C VAL A 128 8.85 -16.24 13.80
N ARG A 129 9.67 -16.51 14.83
CA ARG A 129 9.29 -16.43 16.26
C ARG A 129 8.70 -15.04 16.50
N ASP A 130 9.43 -13.98 16.14
CA ASP A 130 9.03 -12.56 16.36
C ASP A 130 7.63 -12.32 15.80
N ALA A 131 7.33 -12.89 14.64
CA ALA A 131 6.02 -12.72 13.96
C ALA A 131 4.92 -13.20 14.88
N GLU A 132 5.11 -14.37 15.51
CA GLU A 132 4.12 -15.02 16.43
C GLU A 132 4.05 -14.23 17.74
N ALA A 133 5.20 -13.78 18.26
CA ALA A 133 5.29 -12.96 19.48
C ALA A 133 4.42 -11.70 19.31
N ASN A 134 4.75 -10.89 18.29
CA ASN A 134 4.14 -9.58 18.03
C ASN A 134 3.07 -9.75 16.94
N ALA A 135 2.25 -10.80 16.99
CA ALA A 135 1.13 -11.07 16.05
C ALA A 135 -0.04 -10.16 16.38
N GLU A 136 -0.20 -9.82 17.66
CA GLU A 136 -1.23 -8.89 18.19
C GLU A 136 -0.97 -7.50 17.61
N ALA A 137 0.11 -6.87 18.10
CA ALA A 137 0.55 -5.51 17.77
C ALA A 137 0.45 -5.27 16.25
N ASP A 138 0.68 -6.32 15.46
CA ASP A 138 0.68 -6.32 13.98
C ASP A 138 -0.75 -6.32 13.44
N ARG A 139 -1.63 -7.21 13.93
CA ARG A 139 -3.06 -7.19 13.52
C ARG A 139 -3.59 -5.78 13.78
N LYS A 140 -3.18 -5.16 14.89
CA LYS A 140 -3.60 -3.80 15.27
C LYS A 140 -3.03 -2.81 14.26
N PHE A 141 -1.71 -2.83 14.07
CA PHE A 141 -1.03 -1.91 13.12
C PHE A 141 -1.73 -1.98 11.77
N GLU A 142 -2.09 -3.19 11.34
CA GLU A 142 -2.71 -3.43 10.02
C GLU A 142 -4.03 -2.66 9.95
N GLU A 143 -4.91 -2.86 10.93
CA GLU A 143 -6.28 -2.30 10.84
C GLU A 143 -6.19 -0.77 11.06
N LEU A 144 -5.17 -0.27 11.76
CA LEU A 144 -4.93 1.20 11.82
C LEU A 144 -4.62 1.71 10.40
N VAL A 145 -3.74 1.03 9.66
CA VAL A 145 -3.35 1.43 8.28
C VAL A 145 -4.57 1.28 7.37
N GLN A 146 -5.33 0.20 7.50
CA GLN A 146 -6.56 0.02 6.69
C GLN A 146 -7.51 1.20 6.99
N THR A 147 -7.60 1.62 8.25
CA THR A 147 -8.49 2.72 8.69
C THR A 147 -7.96 4.04 8.13
N ARG A 148 -6.65 4.28 8.22
CA ARG A 148 -6.06 5.53 7.70
C ARG A 148 -6.43 5.67 6.22
N ASN A 149 -6.13 4.66 5.40
CA ASN A 149 -6.39 4.64 3.93
C ASN A 149 -7.87 4.90 3.64
N GLN A 150 -8.80 4.23 4.34
CA GLN A 150 -10.26 4.50 4.21
C GLN A 150 -10.49 6.01 4.43
N GLY A 151 -10.05 6.52 5.58
CA GLY A 151 -10.17 7.95 5.89
C GLY A 151 -9.59 8.77 4.77
N ASP A 152 -8.37 8.45 4.37
CA ASP A 152 -7.63 9.14 3.28
C ASP A 152 -8.46 9.10 2.02
N HIS A 153 -8.93 7.92 1.63
CA HIS A 153 -9.78 7.78 0.42
C HIS A 153 -10.97 8.72 0.57
N LEU A 154 -11.69 8.60 1.68
CA LEU A 154 -12.95 9.35 1.95
C LEU A 154 -12.70 10.86 1.98
N LEU A 155 -11.46 11.27 2.23
CA LEU A 155 -11.06 12.69 2.21
C LEU A 155 -11.01 13.14 0.76
N HIS A 156 -10.07 12.57 0.01
CA HIS A 156 -9.84 12.84 -1.44
C HIS A 156 -11.16 12.71 -2.22
N SER A 157 -11.86 11.59 -2.09
CA SER A 157 -13.19 11.35 -2.71
C SER A 157 -14.09 12.55 -2.49
N THR A 158 -14.23 13.01 -1.25
CA THR A 158 -15.24 14.01 -0.84
C THR A 158 -14.86 15.35 -1.50
N ARG A 159 -13.60 15.78 -1.36
CA ARG A 159 -13.11 17.07 -1.94
C ARG A 159 -13.41 17.17 -3.44
N LYS A 160 -13.11 16.11 -4.21
CA LYS A 160 -13.49 15.92 -5.63
C LYS A 160 -14.99 16.15 -5.82
N GLN A 161 -15.82 15.51 -4.98
CA GLN A 161 -17.31 15.56 -5.10
C GLN A 161 -17.87 16.94 -4.71
N VAL A 162 -17.09 17.77 -3.99
CA VAL A 162 -17.46 19.16 -3.58
C VAL A 162 -17.28 20.07 -4.80
N GLU A 163 -16.29 19.79 -5.63
CA GLU A 163 -15.95 20.59 -6.84
C GLU A 163 -16.94 20.27 -7.98
N GLU A 164 -17.17 18.99 -8.27
CA GLU A 164 -18.09 18.54 -9.36
C GLU A 164 -19.53 18.96 -9.00
N ALA A 165 -19.86 18.98 -7.70
CA ALA A 165 -21.16 19.44 -7.17
C ALA A 165 -21.24 20.97 -7.27
N GLY A 166 -20.12 21.68 -7.17
CA GLY A 166 -20.07 23.15 -7.24
C GLY A 166 -21.26 23.78 -6.53
N ASP A 167 -21.95 24.70 -7.20
CA ASP A 167 -23.04 25.54 -6.62
C ASP A 167 -24.17 24.65 -6.08
N LYS A 168 -24.33 23.42 -6.58
CA LYS A 168 -25.45 22.51 -6.23
C LYS A 168 -25.48 22.28 -4.71
N LEU A 169 -24.33 22.43 -4.04
CA LEU A 169 -24.19 22.18 -2.58
C LEU A 169 -24.64 23.39 -1.78
N PRO A 170 -25.69 23.24 -0.96
CA PRO A 170 -26.13 24.28 -0.03
C PRO A 170 -25.00 24.75 0.88
N ALA A 171 -24.68 26.05 0.83
CA ALA A 171 -23.69 26.76 1.68
C ALA A 171 -23.51 26.09 3.04
N ASP A 172 -24.61 25.93 3.82
CA ASP A 172 -24.60 25.24 5.14
C ASP A 172 -23.77 23.95 5.00
N ASP A 173 -24.27 23.02 4.18
CA ASP A 173 -23.71 21.67 3.97
C ASP A 173 -22.21 21.81 3.70
N LYS A 174 -21.81 22.78 2.88
CA LYS A 174 -20.38 22.96 2.51
C LYS A 174 -19.59 23.29 3.79
N THR A 175 -19.87 24.43 4.43
CA THR A 175 -19.31 24.81 5.76
C THR A 175 -19.01 23.56 6.60
N ALA A 176 -19.98 22.66 6.72
CA ALA A 176 -20.02 21.56 7.70
C ALA A 176 -19.10 20.41 7.26
N ILE A 177 -19.30 19.96 6.02
CA ILE A 177 -18.38 19.09 5.23
C ILE A 177 -16.96 19.72 5.23
N GLU A 178 -16.84 20.99 4.84
CA GLU A 178 -15.51 21.67 4.75
C GLU A 178 -14.72 21.32 6.01
N SER A 179 -15.31 21.49 7.19
CA SER A 179 -14.60 21.48 8.52
C SER A 179 -14.40 20.05 9.03
N ALA A 180 -15.30 19.13 8.68
CA ALA A 180 -15.24 17.69 9.01
C ALA A 180 -14.04 17.07 8.30
N LEU A 181 -13.81 17.47 7.04
CA LEU A 181 -12.61 17.09 6.25
C LEU A 181 -11.36 17.63 6.91
N THR A 182 -11.36 18.88 7.38
CA THR A 182 -10.16 19.52 7.99
C THR A 182 -9.80 18.78 9.28
N ALA A 183 -10.82 18.34 10.02
CA ALA A 183 -10.68 17.52 11.24
C ALA A 183 -10.14 16.14 10.86
N LEU A 184 -10.68 15.55 9.79
CA LEU A 184 -10.27 14.21 9.31
C LEU A 184 -8.77 14.25 9.01
N GLU A 185 -8.37 15.15 8.12
CA GLU A 185 -6.97 15.34 7.63
C GLU A 185 -6.02 15.42 8.84
N THR A 186 -6.36 16.23 9.85
CA THR A 186 -5.59 16.35 11.11
C THR A 186 -5.45 14.98 11.80
N ALA A 187 -6.57 14.31 12.07
CA ALA A 187 -6.62 12.99 12.72
C ALA A 187 -5.86 11.96 11.89
N LEU A 188 -5.82 12.11 10.57
CA LEU A 188 -5.04 11.19 9.70
C LEU A 188 -3.54 11.37 10.01
N LYS A 189 -3.15 12.55 10.50
CA LYS A 189 -1.76 12.85 10.96
C LYS A 189 -1.47 12.09 12.26
N GLY A 190 -2.51 11.58 12.96
CA GLY A 190 -2.38 10.84 14.24
C GLY A 190 -2.19 9.35 14.07
N GLU A 191 -2.16 8.62 15.20
CA GLU A 191 -1.99 7.13 15.30
C GLU A 191 -3.23 6.51 15.94
N ASP A 192 -4.30 7.31 16.13
CA ASP A 192 -5.48 6.99 16.98
C ASP A 192 -6.62 6.49 16.09
N LYS A 193 -6.77 5.17 15.93
CA LYS A 193 -7.77 4.53 15.01
C LYS A 193 -9.16 5.11 15.27
N ALA A 194 -9.56 5.10 16.55
CA ALA A 194 -10.88 5.57 17.02
C ALA A 194 -11.13 6.99 16.51
N ALA A 195 -10.14 7.87 16.64
CA ALA A 195 -10.27 9.29 16.28
C ALA A 195 -10.49 9.41 14.78
N ILE A 196 -9.80 8.58 13.98
CA ILE A 196 -9.94 8.62 12.50
C ILE A 196 -11.38 8.19 12.18
N GLU A 197 -11.83 7.09 12.79
CA GLU A 197 -13.21 6.57 12.60
C GLU A 197 -14.25 7.62 13.00
N ALA A 198 -13.91 8.52 13.94
CA ALA A 198 -14.85 9.48 14.55
C ALA A 198 -15.13 10.62 13.57
N LYS A 199 -14.08 11.10 12.90
CA LYS A 199 -14.13 12.17 11.85
C LYS A 199 -14.74 11.58 10.58
N MET A 200 -14.63 10.26 10.42
CA MET A 200 -15.28 9.52 9.31
C MET A 200 -16.78 9.40 9.59
N GLN A 201 -17.16 9.16 10.85
CA GLN A 201 -18.56 9.16 11.36
C GLN A 201 -19.13 10.57 11.15
N GLU A 202 -18.34 11.58 11.49
CA GLU A 202 -18.74 13.01 11.42
C GLU A 202 -19.09 13.38 9.98
N LEU A 203 -18.30 12.92 9.01
CA LEU A 203 -18.41 13.29 7.58
C LEU A 203 -19.64 12.61 6.94
N ALA A 204 -19.76 11.29 7.10
CA ALA A 204 -20.96 10.49 6.73
C ALA A 204 -22.22 11.32 7.00
N GLN A 205 -22.39 11.73 8.26
CA GLN A 205 -23.57 12.46 8.80
C GLN A 205 -23.78 13.82 8.11
N VAL A 206 -22.73 14.60 7.85
CA VAL A 206 -22.84 15.99 7.32
C VAL A 206 -22.84 15.98 5.79
N SER A 207 -22.48 14.87 5.17
CA SER A 207 -22.30 14.79 3.69
C SER A 207 -23.58 14.26 3.04
N GLN A 208 -24.59 13.89 3.84
CA GLN A 208 -25.76 13.12 3.34
C GLN A 208 -26.33 13.77 2.08
N LYS A 209 -26.24 15.09 1.94
CA LYS A 209 -26.81 15.83 0.79
C LYS A 209 -25.80 15.84 -0.37
N LEU A 210 -24.51 15.97 -0.08
CA LEU A 210 -23.38 15.94 -1.05
C LEU A 210 -23.43 14.61 -1.83
N MET A 211 -23.76 13.54 -1.14
CA MET A 211 -23.91 12.19 -1.72
C MET A 211 -25.12 12.18 -2.65
N GLU A 212 -26.28 12.65 -2.16
CA GLU A 212 -27.55 12.71 -2.93
C GLU A 212 -27.22 13.27 -4.32
N ILE A 213 -26.45 14.37 -4.37
CA ILE A 213 -26.03 15.10 -5.60
C ILE A 213 -25.18 14.15 -6.43
N ALA A 214 -24.06 13.73 -5.87
CA ALA A 214 -22.99 12.94 -6.56
C ALA A 214 -23.62 11.75 -7.28
N GLN A 215 -24.71 11.21 -6.72
CA GLN A 215 -25.52 10.12 -7.32
C GLN A 215 -25.93 10.55 -8.74
N GLN A 216 -26.38 11.80 -8.92
CA GLN A 216 -26.70 12.42 -10.24
C GLN A 216 -25.47 12.34 -11.17
N ALA B 2 -6.91 -2.09 -5.37
CA ALA B 2 -5.59 -1.84 -6.05
C ALA B 2 -4.44 -2.00 -5.02
N LEU B 3 -4.37 -1.09 -4.04
CA LEU B 3 -3.23 -0.84 -3.12
C LEU B 3 -2.19 0.01 -3.86
N ALA B 4 -1.56 0.93 -3.13
CA ALA B 4 -0.83 2.08 -3.68
C ALA B 4 0.60 2.10 -3.10
N LEU B 5 1.47 2.94 -3.64
CA LEU B 5 2.86 3.19 -3.14
C LEU B 5 3.13 4.70 -3.17
N LEU B 6 4.13 5.18 -2.44
CA LEU B 6 4.57 6.61 -2.52
C LEU B 6 5.74 6.68 -3.50
N PRO B 7 6.16 7.91 -3.93
CA PRO B 7 7.41 8.09 -4.66
C PRO B 7 8.60 8.25 -3.69
#